data_7QDA
#
_entry.id   7QDA
#
_cell.length_a   68.896
_cell.length_b   68.896
_cell.length_c   255.379
_cell.angle_alpha   90.000
_cell.angle_beta   90.000
_cell.angle_gamma   120.000
#
_symmetry.space_group_name_H-M   'P 32 2 1'
#
loop_
_entity.id
_entity.type
_entity.pdbx_description
1 polymer CalpL
2 non-polymer 'SULFATE ION'
3 non-polymer 'TRIETHYLENE GLYCOL'
4 non-polymer 'TETRAETHYLENE GLYCOL'
5 water water
#
_entity_poly.entity_id   1
_entity_poly.type   'polypeptide(L)'
_entity_poly.pdbx_seq_one_letter_code
;GHIKQLLKNKRFEVIKALVESKKIKQEWLEDLYSILLKQDTDVEITQAKYEIIKLLLTEKKYLNFELLTKTLNLDQQTAI
EI(MSE)RNPFKEVYFPTYNIENPEESRLNKALIIPLSNQTFTLNTFVNSQDLETIKEATNKNFFVIFDNIFSGKSYQLA
VAAGLIAKEKEILDNVAFTGEVSSNGFIIPVNHLEEKKEITEKAKKVLITPEDIENLEELSFWLNPEHLPVIFIHINKPE
LALQSLKQ(MSE)EDAIKKDERFKYFKLENLKKFYRLEDQD(MSE)YLITPSVDFSNREELIKILNEFREKVSKLLTLEG
VIKDHNKVVLNISAGISTLALYFGVILGNRQASIIYHYQKEYHKVIDLTDNPRKIKEKKSEFEKISVNKNIQDPL(MSE)
IIIYLASHNPIEKGLELKEKLRAKGELIIQSKEHQGNLEIGDWSDIVSEIYTAIDDNKQKENY(MSE)VFSAPVAI
(MSE)LALG(MSE)ALGYFLPIKVFHYNRDEYIEVPIKLNEEILRSPF
;
_entity_poly.pdbx_strand_id   A
#
# COMPACT_ATOMS: atom_id res chain seq x y z
N GLY A 1 38.38 -19.77 30.09
CA GLY A 1 38.34 -18.45 29.50
C GLY A 1 37.45 -17.49 30.26
N HIS A 2 37.27 -16.29 29.70
CA HIS A 2 36.43 -15.28 30.35
C HIS A 2 34.97 -15.71 30.37
N ILE A 3 34.43 -16.10 29.22
CA ILE A 3 33.04 -16.56 29.16
C ILE A 3 32.88 -17.83 29.99
N LYS A 4 33.87 -18.71 29.94
CA LYS A 4 33.81 -19.95 30.72
C LYS A 4 33.74 -19.65 32.21
N GLN A 5 34.47 -18.63 32.67
CA GLN A 5 34.40 -18.24 34.08
C GLN A 5 33.06 -17.58 34.40
N LEU A 6 32.61 -16.68 33.53
CA LEU A 6 31.29 -16.10 33.70
C LEU A 6 30.20 -17.17 33.65
N LEU A 7 30.42 -18.23 32.87
CA LEU A 7 29.45 -19.32 32.79
C LEU A 7 29.40 -20.10 34.08
N LYS A 8 30.56 -20.45 34.65
CA LYS A 8 30.61 -21.23 35.87
C LYS A 8 29.92 -20.52 37.03
N ASN A 9 29.80 -19.19 36.97
CA ASN A 9 29.10 -18.42 37.98
C ASN A 9 27.69 -18.03 37.55
N LYS A 10 27.26 -18.46 36.38
CA LYS A 10 25.88 -18.25 35.89
C LYS A 10 25.53 -16.76 35.80
N ARG A 11 26.50 -15.96 35.37
CA ARG A 11 26.28 -14.52 35.18
C ARG A 11 25.86 -14.26 33.75
N PHE A 12 24.66 -14.74 33.43
CA PHE A 12 24.16 -14.66 32.06
C PHE A 12 23.89 -13.22 31.62
N GLU A 13 23.52 -12.34 32.56
CA GLU A 13 23.31 -10.94 32.22
CA GLU A 13 23.31 -10.95 32.20
C GLU A 13 24.61 -10.27 31.80
N VAL A 14 25.73 -10.64 32.44
CA VAL A 14 27.02 -10.08 32.06
C VAL A 14 27.43 -10.59 30.70
N ILE A 15 27.15 -11.86 30.40
CA ILE A 15 27.44 -12.39 29.08
C ILE A 15 26.61 -11.68 28.02
N LYS A 16 25.31 -11.48 28.29
CA LYS A 16 24.45 -10.82 27.31
C LYS A 16 24.90 -9.38 27.06
N ALA A 17 25.19 -8.64 28.13
CA ALA A 17 25.65 -7.27 27.97
C ALA A 17 26.98 -7.20 27.23
N LEU A 18 27.85 -8.19 27.44
CA LEU A 18 29.11 -8.21 26.70
C LEU A 18 28.89 -8.56 25.24
N VAL A 19 27.91 -9.41 24.95
CA VAL A 19 27.56 -9.72 23.56
C VAL A 19 26.95 -8.49 22.89
N GLU A 20 26.11 -7.74 23.62
CA GLU A 20 25.51 -6.54 23.06
C GLU A 20 26.56 -5.47 22.77
N SER A 21 27.69 -5.50 23.49
CA SER A 21 28.77 -4.58 23.22
C SER A 21 29.57 -4.95 21.97
N LYS A 22 29.38 -6.16 21.44
CA LYS A 22 30.00 -6.63 20.20
C LYS A 22 31.53 -6.65 20.29
N LYS A 23 32.10 -6.67 21.49
CA LYS A 23 33.54 -6.74 21.70
C LYS A 23 33.86 -8.15 22.18
N ILE A 24 33.95 -9.08 21.23
CA ILE A 24 34.11 -10.50 21.51
C ILE A 24 35.37 -10.99 20.80
N LYS A 25 36.23 -11.69 21.53
CA LYS A 25 37.38 -12.34 20.92
C LYS A 25 36.97 -13.68 20.33
N GLN A 26 37.71 -14.11 19.30
CA GLN A 26 37.37 -15.36 18.62
C GLN A 26 37.54 -16.56 19.55
N GLU A 27 38.47 -16.49 20.50
CA GLU A 27 38.65 -17.57 21.45
C GLU A 27 37.48 -17.71 22.42
N TRP A 28 36.57 -16.73 22.45
CA TRP A 28 35.37 -16.79 23.26
C TRP A 28 34.21 -17.48 22.57
N LEU A 29 34.28 -17.67 21.25
CA LEU A 29 33.11 -18.07 20.49
C LEU A 29 32.60 -19.45 20.91
N GLU A 30 33.51 -20.41 21.10
CA GLU A 30 33.10 -21.77 21.43
C GLU A 30 32.24 -21.79 22.70
N ASP A 31 32.67 -21.07 23.74
CA ASP A 31 31.87 -21.01 24.97
C ASP A 31 30.57 -20.25 24.75
N LEU A 32 30.56 -19.26 23.86
CA LEU A 32 29.33 -18.52 23.58
C LEU A 32 28.33 -19.39 22.83
N TYR A 33 28.79 -20.19 21.87
CA TYR A 33 27.89 -21.08 21.15
C TYR A 33 27.27 -22.12 22.09
N SER A 34 28.02 -22.56 23.09
CA SER A 34 27.51 -23.55 24.03
C SER A 34 26.35 -23.03 24.87
N ILE A 35 26.20 -21.71 25.00
CA ILE A 35 25.05 -21.15 25.70
C ILE A 35 23.75 -21.58 25.03
N LEU A 36 23.76 -21.65 23.70
CA LEU A 36 22.54 -21.87 22.93
C LEU A 36 21.90 -23.22 23.26
N LEU A 37 22.65 -24.15 23.82
CA LEU A 37 22.13 -25.48 24.14
C LEU A 37 21.60 -25.59 25.57
N LYS A 38 21.90 -24.62 26.43
CA LYS A 38 21.48 -24.70 27.82
C LYS A 38 19.96 -24.59 27.95
N GLN A 39 19.44 -25.15 29.03
CA GLN A 39 17.99 -25.17 29.23
C GLN A 39 17.49 -23.77 29.58
N ASP A 40 16.39 -23.38 28.96
CA ASP A 40 15.79 -22.06 29.18
C ASP A 40 15.03 -22.08 30.51
N THR A 41 15.80 -22.19 31.60
CA THR A 41 15.24 -22.26 32.94
C THR A 41 14.88 -20.89 33.51
N ASP A 42 15.41 -19.82 32.93
CA ASP A 42 15.09 -18.47 33.38
C ASP A 42 15.33 -17.50 32.24
N VAL A 43 14.69 -16.33 32.35
CA VAL A 43 14.63 -15.40 31.23
C VAL A 43 16.01 -14.87 30.87
N GLU A 44 16.93 -14.79 31.84
CA GLU A 44 18.25 -14.25 31.54
C GLU A 44 19.05 -15.18 30.61
N ILE A 45 18.83 -16.49 30.71
CA ILE A 45 19.45 -17.41 29.76
C ILE A 45 18.85 -17.23 28.38
N THR A 46 17.53 -17.13 28.31
CA THR A 46 16.85 -16.99 27.02
C THR A 46 17.24 -15.71 26.31
N GLN A 47 17.33 -14.60 27.06
CA GLN A 47 17.72 -13.34 26.44
C GLN A 47 19.20 -13.34 26.04
N ALA A 48 20.04 -14.06 26.78
CA ALA A 48 21.43 -14.19 26.37
C ALA A 48 21.53 -14.97 25.05
N LYS A 49 20.75 -16.04 24.92
CA LYS A 49 20.71 -16.78 23.66
C LYS A 49 20.30 -15.88 22.50
N TYR A 50 19.29 -15.04 22.71
CA TYR A 50 18.79 -14.20 21.62
C TYR A 50 19.86 -13.23 21.14
N GLU A 51 20.54 -12.55 22.07
CA GLU A 51 21.56 -11.58 21.68
C GLU A 51 22.77 -12.26 21.07
N ILE A 52 23.09 -13.47 21.52
CA ILE A 52 24.18 -14.22 20.89
C ILE A 52 23.86 -14.51 19.43
N ILE A 53 22.64 -14.98 19.17
CA ILE A 53 22.24 -15.29 17.79
C ILE A 53 22.21 -14.03 16.95
N LYS A 54 21.66 -12.95 17.49
CA LYS A 54 21.59 -11.71 16.71
C LYS A 54 22.97 -11.15 16.42
N LEU A 55 23.93 -11.35 17.33
CA LEU A 55 25.30 -10.92 17.07
C LEU A 55 25.91 -11.70 15.91
N LEU A 56 25.72 -13.03 15.90
CA LEU A 56 26.29 -13.86 14.84
C LEU A 56 25.72 -13.50 13.48
N LEU A 57 24.44 -13.11 13.43
CA LEU A 57 23.78 -12.84 12.16
C LEU A 57 24.06 -11.43 11.64
N THR A 58 24.38 -10.48 12.51
CA THR A 58 24.66 -9.11 12.09
C THR A 58 26.14 -8.82 11.94
N GLU A 59 26.99 -9.49 12.71
CA GLU A 59 28.45 -9.36 12.62
C GLU A 59 28.98 -10.74 12.27
N LYS A 60 28.89 -11.11 10.99
CA LYS A 60 29.18 -12.46 10.55
C LYS A 60 30.65 -12.84 10.67
N LYS A 61 31.51 -11.95 11.17
CA LYS A 61 32.86 -12.36 11.54
C LYS A 61 32.86 -13.31 12.72
N TYR A 62 31.78 -13.34 13.49
CA TYR A 62 31.60 -14.30 14.58
C TYR A 62 30.83 -15.54 14.16
N LEU A 63 30.27 -15.55 12.94
CA LEU A 63 29.56 -16.71 12.42
C LEU A 63 30.58 -17.76 11.97
N ASN A 64 30.47 -18.97 12.52
CA ASN A 64 31.48 -20.00 12.29
C ASN A 64 30.81 -21.35 12.11
N PHE A 65 31.17 -22.06 11.04
CA PHE A 65 30.54 -23.33 10.66
C PHE A 65 30.97 -24.47 11.56
N GLU A 66 32.25 -24.51 11.94
CA GLU A 66 32.71 -25.49 12.91
C GLU A 66 31.83 -25.47 14.15
N LEU A 67 31.73 -24.31 14.78
CA LEU A 67 30.92 -24.20 15.99
C LEU A 67 29.45 -24.43 15.70
N LEU A 68 28.97 -23.99 14.53
CA LEU A 68 27.57 -24.26 14.18
C LEU A 68 27.34 -25.75 14.00
N THR A 69 28.27 -26.45 13.36
CA THR A 69 28.11 -27.88 13.12
C THR A 69 28.59 -28.73 14.30
N LYS A 70 29.66 -28.32 14.98
CA LYS A 70 30.21 -29.14 16.07
C LYS A 70 29.48 -28.92 17.39
N THR A 71 29.06 -27.68 17.65
CA THR A 71 28.41 -27.37 18.93
C THR A 71 26.89 -27.59 18.85
N LEU A 72 26.26 -27.11 17.78
CA LEU A 72 24.81 -27.23 17.64
C LEU A 72 24.37 -28.48 16.89
N ASN A 73 25.32 -29.28 16.38
CA ASN A 73 25.02 -30.53 15.68
C ASN A 73 24.12 -30.31 14.47
N LEU A 74 24.23 -29.15 13.83
CA LEU A 74 23.47 -28.87 12.63
C LEU A 74 24.06 -29.60 11.44
N ASP A 75 23.20 -30.14 10.59
CA ASP A 75 23.67 -30.67 9.32
C ASP A 75 24.23 -29.52 8.48
N GLN A 76 25.07 -29.87 7.51
CA GLN A 76 25.78 -28.85 6.73
C GLN A 76 24.81 -27.88 6.06
N GLN A 77 23.77 -28.40 5.39
CA GLN A 77 22.88 -27.51 4.64
C GLN A 77 22.12 -26.57 5.57
N THR A 78 21.59 -27.08 6.67
CA THR A 78 20.96 -26.21 7.67
C THR A 78 21.96 -25.21 8.21
N ALA A 79 23.20 -25.67 8.48
CA ALA A 79 24.24 -24.73 8.88
C ALA A 79 24.41 -23.64 7.83
N ILE A 80 24.55 -24.01 6.56
N ILE A 80 24.58 -24.01 6.56
CA ILE A 80 24.78 -23.02 5.51
CA ILE A 80 24.75 -23.05 5.48
C ILE A 80 23.62 -22.02 5.44
C ILE A 80 23.63 -22.02 5.49
N GLU A 81 22.39 -22.51 5.56
CA GLU A 81 21.24 -21.63 5.43
C GLU A 81 21.11 -20.68 6.60
N ILE A 82 21.53 -21.10 7.79
CA ILE A 82 21.54 -20.18 8.92
C ILE A 82 22.43 -18.98 8.63
N ARG A 84 23.53 -17.74 5.65
CA ARG A 84 23.28 -17.05 4.38
C ARG A 84 21.88 -16.47 4.26
N ASN A 85 20.85 -17.15 4.77
CA ASN A 85 19.48 -16.68 4.57
C ASN A 85 19.20 -15.47 5.45
N PRO A 86 18.59 -14.41 4.93
CA PRO A 86 18.27 -13.26 5.76
C PRO A 86 17.24 -13.63 6.82
N PHE A 87 17.39 -13.05 8.00
CA PHE A 87 16.46 -13.27 9.10
C PHE A 87 15.41 -12.17 9.15
N LYS A 88 14.30 -12.48 9.81
CA LYS A 88 13.23 -11.53 10.05
C LYS A 88 12.90 -11.51 11.53
N GLU A 89 12.75 -10.32 12.08
CA GLU A 89 12.30 -10.13 13.46
C GLU A 89 10.85 -9.68 13.46
N VAL A 90 10.02 -10.35 14.24
CA VAL A 90 8.60 -10.04 14.33
C VAL A 90 8.24 -9.84 15.79
N TYR A 91 7.25 -8.99 16.02
CA TYR A 91 6.80 -8.64 17.36
C TYR A 91 5.49 -9.33 17.69
N PHE A 92 5.35 -9.79 18.94
CA PHE A 92 4.12 -10.38 19.40
C PHE A 92 3.98 -10.10 20.89
N PRO A 93 2.82 -9.61 21.35
CA PRO A 93 2.64 -9.33 22.77
C PRO A 93 2.03 -10.51 23.52
N THR A 94 2.47 -10.65 24.78
CA THR A 94 1.93 -11.64 25.68
C THR A 94 1.48 -10.96 26.97
N TYR A 95 0.44 -11.53 27.58
CA TYR A 95 -0.12 -11.00 28.82
C TYR A 95 -0.17 -12.10 29.86
N ASN A 96 0.52 -11.90 30.97
CA ASN A 96 0.52 -12.85 32.08
C ASN A 96 -0.58 -12.44 33.06
N ILE A 97 -1.56 -13.34 33.26
CA ILE A 97 -2.68 -13.01 34.14
C ILE A 97 -2.22 -12.92 35.58
N GLU A 98 -1.39 -13.88 36.02
CA GLU A 98 -0.96 -13.91 37.42
C GLU A 98 -0.05 -12.73 37.73
N ASN A 99 0.96 -12.48 36.89
CA ASN A 99 1.92 -11.40 37.07
C ASN A 99 1.79 -10.45 35.88
N PRO A 100 0.85 -9.51 35.92
CA PRO A 100 0.68 -8.57 34.79
C PRO A 100 1.85 -7.63 34.60
N GLU A 101 2.78 -7.55 35.56
CA GLU A 101 3.95 -6.70 35.42
C GLU A 101 4.98 -7.28 34.47
N GLU A 102 4.96 -8.60 34.24
CA GLU A 102 5.87 -9.26 33.33
C GLU A 102 5.30 -9.40 31.91
N SER A 103 4.17 -8.76 31.63
CA SER A 103 3.63 -8.73 30.28
C SER A 103 4.51 -7.85 29.39
N ARG A 104 4.60 -8.23 28.12
CA ARG A 104 5.68 -7.70 27.29
C ARG A 104 5.35 -7.87 25.82
N LEU A 105 5.88 -6.95 25.01
CA LEU A 105 5.93 -7.13 23.56
C LEU A 105 7.23 -7.85 23.24
N ASN A 106 7.12 -9.10 22.80
CA ASN A 106 8.29 -9.96 22.58
C ASN A 106 8.70 -9.92 21.12
N LYS A 107 9.87 -10.52 20.86
CA LYS A 107 10.43 -10.63 19.53
C LYS A 107 10.69 -12.09 19.19
N ALA A 108 10.46 -12.44 17.93
CA ALA A 108 10.84 -13.74 17.39
C ALA A 108 11.75 -13.50 16.20
N LEU A 109 12.92 -14.13 16.21
CA LEU A 109 13.87 -14.07 15.09
C LEU A 109 13.71 -15.35 14.27
N ILE A 110 13.47 -15.18 12.98
CA ILE A 110 13.10 -16.30 12.10
C ILE A 110 14.04 -16.36 10.92
N ILE A 111 14.51 -17.57 10.60
CA ILE A 111 15.30 -17.81 9.40
C ILE A 111 14.65 -18.94 8.60
N PRO A 112 14.33 -18.75 7.33
CA PRO A 112 13.78 -19.86 6.54
C PRO A 112 14.82 -20.94 6.30
N LEU A 113 14.36 -22.19 6.33
CA LEU A 113 15.21 -23.35 6.10
C LEU A 113 14.58 -24.25 5.05
N SER A 114 15.37 -25.23 4.59
CA SER A 114 14.96 -26.12 3.50
C SER A 114 14.19 -27.34 4.01
N ASN A 115 14.82 -28.15 4.86
CA ASN A 115 14.22 -29.43 5.24
C ASN A 115 14.31 -29.70 6.74
N GLN A 116 14.28 -28.65 7.56
CA GLN A 116 14.30 -28.85 9.00
C GLN A 116 13.69 -27.62 9.69
N THR A 117 12.90 -27.88 10.74
CA THR A 117 12.32 -26.85 11.57
C THR A 117 12.72 -27.12 13.01
N PHE A 118 13.28 -26.11 13.67
CA PHE A 118 13.72 -26.29 15.05
C PHE A 118 13.85 -24.92 15.73
N THR A 119 13.98 -24.96 17.04
CA THR A 119 14.24 -23.78 17.85
C THR A 119 15.31 -24.11 18.88
N LEU A 120 15.97 -23.08 19.38
CA LEU A 120 16.95 -23.24 20.44
C LEU A 120 16.37 -22.96 21.82
N ASN A 121 15.09 -22.63 21.90
CA ASN A 121 14.42 -22.36 23.17
C ASN A 121 13.73 -23.63 23.65
N THR A 122 14.13 -24.11 24.82
CA THR A 122 13.67 -25.41 25.30
C THR A 122 12.24 -25.39 25.82
N PHE A 123 11.69 -24.21 26.13
CA PHE A 123 10.33 -24.13 26.63
C PHE A 123 9.27 -24.21 25.54
N VAL A 124 9.67 -24.23 24.27
CA VAL A 124 8.74 -24.23 23.15
C VAL A 124 8.35 -25.67 22.82
N ASN A 125 7.06 -25.88 22.56
CA ASN A 125 6.57 -27.18 22.12
C ASN A 125 6.86 -27.35 20.63
N SER A 126 7.52 -28.47 20.28
CA SER A 126 7.93 -28.68 18.90
C SER A 126 6.73 -28.80 17.97
N GLN A 127 5.64 -29.41 18.45
CA GLN A 127 4.46 -29.58 17.61
C GLN A 127 3.83 -28.24 17.24
N ASP A 128 4.01 -27.22 18.08
CA ASP A 128 3.48 -25.90 17.76
C ASP A 128 4.23 -25.28 16.58
N LEU A 129 5.52 -25.58 16.43
CA LEU A 129 6.27 -25.11 15.27
C LEU A 129 5.93 -25.90 14.02
N GLU A 130 5.64 -27.19 14.15
CA GLU A 130 5.24 -27.99 13.00
C GLU A 130 3.95 -27.46 12.39
N THR A 131 3.03 -26.97 13.22
CA THR A 131 1.80 -26.40 12.70
C THR A 131 2.08 -25.20 11.80
N ILE A 132 3.01 -24.33 12.21
CA ILE A 132 3.39 -23.20 11.36
C ILE A 132 4.03 -23.72 10.07
N LYS A 133 4.88 -24.75 10.18
CA LYS A 133 5.51 -25.31 9.00
C LYS A 133 4.48 -25.84 8.01
N GLU A 134 3.47 -26.56 8.51
CA GLU A 134 2.45 -27.10 7.62
C GLU A 134 1.61 -25.99 6.99
N ALA A 135 1.25 -24.98 7.78
CA ALA A 135 0.39 -23.90 7.27
C ALA A 135 1.10 -23.07 6.21
N THR A 136 2.41 -22.86 6.38
CA THR A 136 3.18 -22.04 5.44
C THR A 136 3.88 -22.86 4.37
N ASN A 137 3.96 -24.19 4.53
CA ASN A 137 4.75 -25.06 3.65
C ASN A 137 6.21 -24.59 3.61
N LYS A 138 6.72 -24.18 4.77
CA LYS A 138 8.08 -23.66 4.89
C LYS A 138 8.71 -24.14 6.18
N ASN A 139 9.89 -24.75 6.08
CA ASN A 139 10.69 -25.03 7.25
C ASN A 139 11.39 -23.75 7.71
N PHE A 140 11.74 -23.70 8.99
CA PHE A 140 12.30 -22.47 9.53
C PHE A 140 13.01 -22.73 10.85
N PHE A 141 13.85 -21.78 11.22
CA PHE A 141 14.42 -21.67 12.56
C PHE A 141 13.83 -20.45 13.24
N VAL A 142 13.55 -20.56 14.54
CA VAL A 142 12.98 -19.45 15.29
C VAL A 142 13.58 -19.44 16.68
N ILE A 143 13.80 -18.23 17.21
CA ILE A 143 14.26 -18.03 18.58
C ILE A 143 13.55 -16.82 19.14
N PHE A 144 13.30 -16.83 20.45
CA PHE A 144 12.52 -15.81 21.13
C PHE A 144 13.37 -15.08 22.15
N ASP A 145 13.01 -13.82 22.40
CA ASP A 145 13.75 -12.97 23.33
C ASP A 145 13.13 -12.93 24.73
N ASN A 146 12.27 -13.90 25.04
CA ASN A 146 11.58 -13.92 26.33
C ASN A 146 10.98 -15.31 26.53
N ILE A 147 10.73 -15.64 27.79
CA ILE A 147 10.01 -16.86 28.16
C ILE A 147 8.55 -16.50 28.38
N PHE A 148 7.66 -17.32 27.83
CA PHE A 148 6.24 -17.06 27.86
C PHE A 148 5.50 -18.39 27.72
N SER A 149 4.22 -18.37 28.05
CA SER A 149 3.35 -19.52 27.90
C SER A 149 2.45 -19.36 26.68
N GLY A 150 1.92 -20.47 26.20
CA GLY A 150 1.00 -20.46 25.08
C GLY A 150 1.71 -20.40 23.74
N LYS A 151 0.90 -20.38 22.68
CA LYS A 151 1.41 -20.34 21.32
C LYS A 151 0.79 -19.19 20.52
N SER A 152 0.49 -18.08 21.18
CA SER A 152 -0.04 -16.91 20.48
C SER A 152 0.96 -16.24 19.57
N TYR A 153 2.21 -16.74 19.52
CA TYR A 153 3.23 -16.23 18.63
C TYR A 153 3.09 -16.73 17.20
N GLN A 154 2.21 -17.71 16.96
CA GLN A 154 2.23 -18.42 15.69
C GLN A 154 1.92 -17.49 14.52
N LEU A 155 1.03 -16.51 14.73
CA LEU A 155 0.73 -15.57 13.66
C LEU A 155 1.95 -14.71 13.31
N ALA A 156 2.67 -14.23 14.34
CA ALA A 156 3.86 -13.43 14.09
C ALA A 156 4.92 -14.23 13.35
N VAL A 157 5.13 -15.48 13.74
CA VAL A 157 6.12 -16.32 13.06
C VAL A 157 5.71 -16.59 11.62
N ALA A 158 4.42 -16.87 11.40
CA ALA A 158 3.93 -17.05 10.04
C ALA A 158 4.12 -15.77 9.22
N ALA A 159 3.92 -14.61 9.84
CA ALA A 159 4.15 -13.34 9.15
C ALA A 159 5.61 -13.20 8.75
N GLY A 160 6.53 -13.57 9.64
CA GLY A 160 7.94 -13.48 9.31
C GLY A 160 8.35 -14.43 8.19
N LEU A 161 7.64 -15.53 8.03
CA LEU A 161 7.94 -16.46 6.95
C LEU A 161 7.35 -16.02 5.62
N ILE A 162 6.22 -15.31 5.66
CA ILE A 162 5.52 -14.94 4.43
C ILE A 162 6.01 -13.60 3.89
N ALA A 163 6.29 -12.64 4.76
CA ALA A 163 6.68 -11.31 4.31
C ALA A 163 7.96 -11.36 3.47
N LYS A 164 7.92 -10.71 2.31
CA LYS A 164 9.10 -10.64 1.46
C LYS A 164 10.03 -9.51 1.89
N GLU A 165 9.46 -8.39 2.32
CA GLU A 165 10.22 -7.25 2.81
C GLU A 165 10.10 -7.18 4.33
N LYS A 166 11.18 -6.76 4.99
CA LYS A 166 11.14 -6.61 6.44
C LYS A 166 10.54 -5.29 6.88
N GLU A 167 10.38 -4.33 5.96
CA GLU A 167 9.90 -3.01 6.33
C GLU A 167 8.48 -3.06 6.90
N ILE A 168 7.62 -3.90 6.33
CA ILE A 168 6.25 -4.00 6.81
C ILE A 168 6.19 -4.62 8.20
N LEU A 169 7.25 -5.28 8.65
CA LEU A 169 7.27 -5.92 9.96
C LEU A 169 7.85 -5.02 11.05
N ASP A 170 8.35 -3.83 10.70
CA ASP A 170 8.97 -2.97 11.69
C ASP A 170 7.94 -2.32 12.62
N ASN A 171 6.76 -1.99 12.12
CA ASN A 171 5.79 -1.21 12.87
C ASN A 171 4.53 -1.99 13.22
N VAL A 172 4.47 -3.29 12.91
CA VAL A 172 3.27 -4.08 13.11
C VAL A 172 3.62 -5.28 13.98
N ALA A 173 2.80 -5.54 15.00
CA ALA A 173 2.89 -6.74 15.81
C ALA A 173 1.70 -7.64 15.52
N PHE A 174 1.81 -8.90 15.94
CA PHE A 174 0.78 -9.89 15.68
C PHE A 174 0.51 -10.71 16.93
N THR A 175 -0.75 -11.07 17.12
CA THR A 175 -1.12 -12.07 18.10
C THR A 175 -2.16 -12.98 17.48
N GLY A 176 -2.06 -14.27 17.77
CA GLY A 176 -3.00 -15.25 17.25
C GLY A 176 -2.32 -16.58 17.00
N GLU A 177 -3.13 -17.63 17.03
CA GLU A 177 -2.69 -18.97 16.69
C GLU A 177 -3.01 -19.28 15.24
N VAL A 178 -2.30 -20.26 14.68
CA VAL A 178 -2.45 -20.66 13.29
C VAL A 178 -2.76 -22.15 13.25
N SER A 179 -3.76 -22.52 12.46
CA SER A 179 -4.11 -23.91 12.25
C SER A 179 -3.25 -24.50 11.13
N SER A 180 -3.23 -25.84 11.05
CA SER A 180 -2.42 -26.50 10.06
C SER A 180 -2.84 -26.15 8.64
N ASN A 181 -4.12 -25.79 8.45
CA ASN A 181 -4.62 -25.36 7.15
C ASN A 181 -4.48 -23.88 6.90
N GLY A 182 -3.83 -23.14 7.81
CA GLY A 182 -3.57 -21.74 7.60
C GLY A 182 -4.63 -20.79 8.11
N PHE A 183 -5.54 -21.25 8.97
CA PHE A 183 -6.57 -20.38 9.51
C PHE A 183 -6.10 -19.76 10.84
N ILE A 184 -6.49 -18.51 11.06
CA ILE A 184 -6.09 -17.79 12.26
C ILE A 184 -7.06 -18.14 13.39
N ILE A 185 -6.51 -18.58 14.51
CA ILE A 185 -7.29 -19.04 15.67
C ILE A 185 -7.28 -17.95 16.74
N PRO A 186 -8.42 -17.67 17.38
CA PRO A 186 -8.47 -16.59 18.36
C PRO A 186 -7.52 -16.83 19.54
N VAL A 187 -7.11 -15.73 20.16
CA VAL A 187 -6.32 -15.73 21.39
C VAL A 187 -7.02 -14.86 22.42
N ASN A 188 -6.40 -14.70 23.58
CA ASN A 188 -7.01 -14.01 24.71
CA ASN A 188 -7.01 -14.01 24.71
C ASN A 188 -6.26 -12.72 25.01
N HIS A 189 -6.92 -11.88 25.82
CA HIS A 189 -6.37 -10.60 26.28
C HIS A 189 -5.98 -9.69 25.12
N LEU A 190 -6.90 -9.53 24.18
CA LEU A 190 -6.62 -8.66 23.04
C LEU A 190 -6.49 -7.20 23.47
N GLU A 191 -7.28 -6.78 24.47
CA GLU A 191 -7.22 -5.39 24.92
C GLU A 191 -5.93 -5.10 25.65
N GLU A 192 -5.49 -6.01 26.53
CA GLU A 192 -4.22 -5.82 27.21
C GLU A 192 -3.04 -5.87 26.23
N LYS A 193 -3.10 -6.79 25.27
CA LYS A 193 -2.06 -6.85 24.24
C LYS A 193 -2.04 -5.60 23.39
N LYS A 194 -3.22 -5.04 23.09
CA LYS A 194 -3.30 -3.81 22.31
C LYS A 194 -2.61 -2.66 23.04
N GLU A 195 -2.82 -2.55 24.35
CA GLU A 195 -2.14 -1.52 25.13
C GLU A 195 -0.64 -1.77 25.16
N ILE A 196 -0.22 -3.02 25.35
CA ILE A 196 1.21 -3.35 25.39
C ILE A 196 1.86 -3.00 24.06
N THR A 197 1.20 -3.33 22.95
CA THR A 197 1.78 -3.08 21.63
C THR A 197 1.87 -1.58 21.35
N GLU A 198 0.84 -0.81 21.72
CA GLU A 198 0.84 0.61 21.44
C GLU A 198 1.77 1.38 22.38
N LYS A 199 2.00 0.87 23.58
CA LYS A 199 3.03 1.45 24.43
C LYS A 199 4.39 1.40 23.74
N ALA A 200 4.64 0.33 22.98
CA ALA A 200 5.86 0.20 22.19
C ALA A 200 5.76 0.90 20.84
N LYS A 201 4.72 1.70 20.63
CA LYS A 201 4.54 2.49 19.41
C LYS A 201 4.45 1.60 18.18
N LYS A 202 3.65 0.54 18.29
CA LYS A 202 3.33 -0.34 17.18
C LYS A 202 1.83 -0.59 17.14
N VAL A 203 1.36 -1.10 16.01
CA VAL A 203 -0.04 -1.44 15.81
C VAL A 203 -0.17 -2.96 15.85
N LEU A 204 -1.19 -3.44 16.54
CA LEU A 204 -1.40 -4.87 16.76
C LEU A 204 -2.40 -5.42 15.74
N ILE A 205 -2.05 -6.55 15.13
CA ILE A 205 -2.95 -7.30 14.26
C ILE A 205 -3.40 -8.54 15.01
N THR A 206 -4.72 -8.73 15.10
CA THR A 206 -5.32 -9.80 15.89
C THR A 206 -6.16 -10.71 15.01
N PRO A 207 -6.62 -11.86 15.51
CA PRO A 207 -7.49 -12.71 14.68
C PRO A 207 -8.77 -12.03 14.23
N GLU A 208 -9.18 -10.93 14.86
CA GLU A 208 -10.36 -10.20 14.40
C GLU A 208 -10.09 -9.38 13.15
N ASP A 209 -8.82 -9.16 12.80
CA ASP A 209 -8.47 -8.44 11.59
C ASP A 209 -8.19 -9.38 10.42
N ILE A 210 -7.53 -10.49 10.69
CA ILE A 210 -7.09 -11.44 9.66
C ILE A 210 -7.67 -12.81 9.97
N GLU A 211 -8.22 -13.47 8.95
CA GLU A 211 -8.88 -14.75 9.12
C GLU A 211 -8.00 -15.94 8.72
N ASN A 212 -7.12 -15.79 7.73
CA ASN A 212 -6.28 -16.89 7.29
C ASN A 212 -4.98 -16.32 6.72
N LEU A 213 -4.07 -17.23 6.35
CA LEU A 213 -2.76 -16.80 5.86
C LEU A 213 -2.84 -16.25 4.45
N GLU A 214 -3.80 -16.73 3.64
N GLU A 214 -3.80 -16.71 3.64
CA GLU A 214 -4.00 -16.14 2.32
CA GLU A 214 -3.99 -16.13 2.32
C GLU A 214 -4.38 -14.67 2.42
C GLU A 214 -4.38 -14.67 2.41
N GLU A 215 -5.24 -14.33 3.38
CA GLU A 215 -5.56 -12.93 3.63
C GLU A 215 -4.34 -12.17 4.14
N LEU A 216 -3.55 -12.80 5.02
CA LEU A 216 -2.35 -12.17 5.52
C LEU A 216 -1.35 -11.90 4.40
N SER A 217 -1.18 -12.87 3.50
CA SER A 217 -0.25 -12.70 2.39
C SER A 217 -0.69 -11.60 1.44
N PHE A 218 -2.00 -11.35 1.36
CA PHE A 218 -2.51 -10.26 0.54
C PHE A 218 -1.92 -8.91 0.98
N TRP A 219 -1.66 -8.74 2.28
CA TRP A 219 -1.11 -7.50 2.81
C TRP A 219 0.41 -7.54 2.91
N LEU A 220 0.98 -8.69 3.27
CA LEU A 220 2.43 -8.77 3.47
C LEU A 220 3.18 -8.91 2.14
N ASN A 221 2.62 -9.67 1.20
CA ASN A 221 3.23 -9.91 -0.11
CA ASN A 221 3.23 -9.91 -0.11
C ASN A 221 2.24 -9.52 -1.19
N PRO A 222 1.97 -8.23 -1.35
CA PRO A 222 0.94 -7.82 -2.31
C PRO A 222 1.42 -7.93 -3.75
N GLU A 223 0.51 -8.37 -4.61
CA GLU A 223 0.70 -8.33 -6.06
C GLU A 223 0.04 -7.11 -6.69
N HIS A 224 -1.15 -6.74 -6.21
CA HIS A 224 -1.86 -5.54 -6.65
C HIS A 224 -2.50 -4.94 -5.40
N LEU A 225 -1.75 -4.11 -4.69
CA LEU A 225 -2.24 -3.54 -3.44
C LEU A 225 -3.15 -2.35 -3.72
N PRO A 226 -4.43 -2.40 -3.35
CA PRO A 226 -5.34 -1.29 -3.65
C PRO A 226 -5.23 -0.19 -2.60
N VAL A 227 -4.96 1.03 -3.07
CA VAL A 227 -5.08 2.22 -2.25
C VAL A 227 -6.20 3.08 -2.82
N ILE A 228 -6.65 4.06 -2.04
CA ILE A 228 -7.83 4.84 -2.37
C ILE A 228 -7.47 6.32 -2.37
N PHE A 229 -7.91 7.04 -3.40
CA PHE A 229 -8.03 8.50 -3.35
C PHE A 229 -9.38 8.88 -3.92
N ILE A 230 -10.21 9.53 -3.11
CA ILE A 230 -11.48 10.06 -3.58
C ILE A 230 -11.53 11.55 -3.26
N HIS A 231 -11.89 12.35 -4.26
CA HIS A 231 -12.23 13.75 -4.04
C HIS A 231 -13.74 13.86 -3.88
N ILE A 232 -14.18 14.60 -2.86
CA ILE A 232 -15.59 14.76 -2.55
C ILE A 232 -15.85 16.22 -2.19
N ASN A 233 -17.13 16.59 -2.24
CA ASN A 233 -17.52 17.97 -1.98
C ASN A 233 -18.05 18.20 -0.58
N LYS A 234 -18.61 17.17 0.06
CA LYS A 234 -19.24 17.34 1.36
C LYS A 234 -18.44 16.59 2.42
N PRO A 235 -17.98 17.28 3.47
CA PRO A 235 -17.19 16.58 4.50
C PRO A 235 -17.99 15.54 5.27
N GLU A 236 -19.28 15.76 5.49
CA GLU A 236 -20.08 14.82 6.25
C GLU A 236 -20.27 13.48 5.53
N LEU A 237 -19.84 13.38 4.27
CA LEU A 237 -19.92 12.15 3.51
C LEU A 237 -18.57 11.50 3.30
N ALA A 238 -17.54 11.98 4.00
CA ALA A 238 -16.18 11.48 3.75
C ALA A 238 -16.02 10.03 4.16
N LEU A 239 -16.35 9.70 5.41
CA LEU A 239 -16.18 8.33 5.88
C LEU A 239 -17.11 7.37 5.15
N GLN A 240 -18.36 7.80 4.92
CA GLN A 240 -19.31 6.94 4.21
C GLN A 240 -18.84 6.67 2.78
N SER A 241 -18.22 7.66 2.14
CA SER A 241 -17.75 7.47 0.77
C SER A 241 -16.56 6.51 0.72
N LEU A 242 -15.66 6.60 1.71
CA LEU A 242 -14.58 5.63 1.80
C LEU A 242 -15.12 4.21 1.92
N LYS A 243 -16.19 4.02 2.71
N LYS A 243 -16.17 4.03 2.72
CA LYS A 243 -16.78 2.70 2.83
CA LYS A 243 -16.82 2.73 2.84
C LYS A 243 -17.40 2.23 1.51
C LYS A 243 -17.38 2.26 1.52
N GLN A 244 -18.01 3.16 0.76
CA GLN A 244 -18.58 2.80 -0.53
C GLN A 244 -17.49 2.44 -1.53
N GLU A 246 -14.63 1.15 -0.63
CA GLU A 246 -14.25 -0.17 -0.15
C GLU A 246 -15.19 -1.25 -0.66
N ASP A 247 -16.48 -0.94 -0.71
CA ASP A 247 -17.47 -1.90 -1.23
C ASP A 247 -17.19 -2.21 -2.70
N ALA A 248 -16.91 -1.19 -3.51
CA ALA A 248 -16.66 -1.41 -4.93
C ALA A 248 -15.38 -2.20 -5.15
N ILE A 249 -14.33 -1.89 -4.37
CA ILE A 249 -13.06 -2.59 -4.51
C ILE A 249 -13.23 -4.08 -4.21
N LYS A 250 -14.00 -4.40 -3.17
CA LYS A 250 -14.19 -5.79 -2.78
C LYS A 250 -14.96 -6.59 -3.81
N LYS A 251 -15.73 -5.95 -4.68
CA LYS A 251 -16.42 -6.66 -5.75
C LYS A 251 -15.45 -7.21 -6.79
N ASP A 252 -14.22 -6.69 -6.83
CA ASP A 252 -13.19 -7.21 -7.72
C ASP A 252 -12.58 -8.47 -7.11
N GLU A 253 -12.54 -9.55 -7.90
CA GLU A 253 -12.02 -10.82 -7.40
C GLU A 253 -10.57 -10.69 -6.94
N ARG A 254 -9.80 -9.82 -7.58
CA ARG A 254 -8.40 -9.61 -7.17
C ARG A 254 -8.29 -8.94 -5.81
N PHE A 255 -9.34 -8.28 -5.35
CA PHE A 255 -9.31 -7.50 -4.11
C PHE A 255 -10.38 -7.96 -3.13
N LYS A 256 -10.78 -9.23 -3.19
CA LYS A 256 -11.82 -9.73 -2.30
C LYS A 256 -11.40 -9.66 -0.83
N TYR A 257 -10.10 -9.60 -0.55
CA TYR A 257 -9.61 -9.52 0.82
C TYR A 257 -9.40 -8.09 1.30
N PHE A 258 -9.71 -7.09 0.47
CA PHE A 258 -9.45 -5.70 0.85
C PHE A 258 -10.34 -5.29 2.01
N LYS A 259 -9.74 -4.61 2.99
CA LYS A 259 -10.44 -4.01 4.10
C LYS A 259 -9.79 -2.67 4.40
N LEU A 260 -10.61 -1.62 4.51
CA LEU A 260 -10.08 -0.28 4.81
C LEU A 260 -9.23 -0.28 6.08
N GLU A 261 -9.72 -0.95 7.13
CA GLU A 261 -9.02 -0.93 8.41
C GLU A 261 -7.68 -1.66 8.33
N ASN A 262 -7.58 -2.70 7.50
CA ASN A 262 -6.32 -3.42 7.38
C ASN A 262 -5.31 -2.65 6.52
N LEU A 263 -5.79 -1.95 5.49
CA LEU A 263 -4.89 -1.09 4.72
C LEU A 263 -4.32 0.01 5.62
N LYS A 264 -5.15 0.56 6.52
CA LYS A 264 -4.68 1.61 7.42
C LYS A 264 -3.63 1.07 8.40
N LYS A 265 -3.88 -0.11 8.97
CA LYS A 265 -2.97 -0.66 9.96
C LYS A 265 -1.64 -1.10 9.33
N PHE A 266 -1.71 -1.87 8.25
CA PHE A 266 -0.50 -2.45 7.69
C PHE A 266 0.40 -1.38 7.08
N TYR A 267 -0.18 -0.39 6.40
CA TYR A 267 0.60 0.59 5.65
C TYR A 267 0.52 1.99 6.24
N ARG A 268 0.04 2.12 7.48
CA ARG A 268 0.14 3.35 8.25
C ARG A 268 -0.54 4.53 7.54
N LEU A 269 -1.78 4.31 7.12
CA LEU A 269 -2.60 5.35 6.52
C LEU A 269 -3.73 5.73 7.46
N GLU A 270 -4.19 6.97 7.34
CA GLU A 270 -5.38 7.45 8.02
C GLU A 270 -6.45 7.78 6.99
N ASP A 271 -7.66 8.02 7.48
CA ASP A 271 -8.78 8.33 6.59
C ASP A 271 -8.45 9.48 5.66
N GLN A 272 -7.90 10.57 6.21
CA GLN A 272 -7.63 11.76 5.42
C GLN A 272 -6.55 11.55 4.37
N ASP A 273 -5.70 10.54 4.53
CA ASP A 273 -4.72 10.22 3.50
C ASP A 273 -5.38 9.72 2.22
N TYR A 275 -8.61 10.88 1.04
CA TYR A 275 -9.64 11.76 0.51
C TYR A 275 -9.14 13.20 0.43
N LEU A 276 -9.87 13.99 -0.36
CA LEU A 276 -9.65 15.43 -0.46
C LEU A 276 -11.02 16.08 -0.52
N ILE A 277 -11.33 16.93 0.45
CA ILE A 277 -12.64 17.57 0.57
C ILE A 277 -12.52 19.01 0.10
N THR A 278 -13.42 19.42 -0.80
CA THR A 278 -13.52 20.80 -1.26
C THR A 278 -14.96 21.26 -1.10
N PRO A 279 -15.30 21.89 0.03
CA PRO A 279 -16.69 22.33 0.23
C PRO A 279 -17.19 23.28 -0.85
N SER A 280 -16.33 24.19 -1.33
CA SER A 280 -16.72 25.15 -2.35
C SER A 280 -15.46 25.63 -3.06
N VAL A 281 -15.44 25.53 -4.39
CA VAL A 281 -14.27 25.87 -5.19
C VAL A 281 -14.62 27.05 -6.09
N ASP A 282 -13.85 28.12 -5.97
CA ASP A 282 -13.90 29.24 -6.90
C ASP A 282 -12.88 28.95 -8.01
N PHE A 283 -13.36 28.49 -9.16
CA PHE A 283 -12.46 28.10 -10.23
C PHE A 283 -11.84 29.29 -10.95
N SER A 284 -12.16 30.51 -10.55
CA SER A 284 -11.49 31.70 -11.06
C SER A 284 -10.33 32.14 -10.19
N ASN A 285 -10.10 31.47 -9.07
CA ASN A 285 -9.06 31.85 -8.11
C ASN A 285 -7.86 30.93 -8.28
N ARG A 286 -6.77 31.49 -8.82
CA ARG A 286 -5.59 30.67 -9.14
C ARG A 286 -4.94 30.13 -7.87
N GLU A 287 -4.72 30.98 -6.87
N GLU A 287 -4.73 30.99 -6.88
CA GLU A 287 -4.04 30.53 -5.67
CA GLU A 287 -4.06 30.56 -5.65
C GLU A 287 -4.87 29.50 -4.91
C GLU A 287 -4.87 29.49 -4.92
N GLU A 288 -6.20 29.63 -4.92
CA GLU A 288 -7.05 28.64 -4.28
C GLU A 288 -6.96 27.30 -5.00
N LEU A 289 -6.91 27.33 -6.33
CA LEU A 289 -6.78 26.10 -7.11
C LEU A 289 -5.42 25.44 -6.90
N ILE A 290 -4.35 26.24 -6.90
CA ILE A 290 -3.00 25.70 -6.71
C ILE A 290 -2.90 25.00 -5.36
N LYS A 291 -3.58 25.54 -4.35
CA LYS A 291 -3.61 24.91 -3.04
C LYS A 291 -4.23 23.51 -3.12
N ILE A 292 -5.34 23.38 -3.84
CA ILE A 292 -5.99 22.07 -3.98
C ILE A 292 -5.08 21.10 -4.72
N LEU A 293 -4.49 21.55 -5.82
CA LEU A 293 -3.60 20.69 -6.60
C LEU A 293 -2.38 20.27 -5.80
N ASN A 294 -1.86 21.16 -4.94
CA ASN A 294 -0.73 20.79 -4.08
C ASN A 294 -1.12 19.70 -3.11
N GLU A 295 -2.33 19.79 -2.54
N GLU A 295 -2.33 19.78 -2.56
CA GLU A 295 -2.80 18.73 -1.65
CA GLU A 295 -2.81 18.74 -1.65
C GLU A 295 -2.96 17.42 -2.39
C GLU A 295 -2.99 17.42 -2.38
N PHE A 296 -3.45 17.47 -3.63
CA PHE A 296 -3.57 16.26 -4.44
C PHE A 296 -2.19 15.64 -4.68
N ARG A 297 -1.21 16.47 -5.02
CA ARG A 297 0.16 15.98 -5.24
C ARG A 297 0.69 15.27 -4.00
N GLU A 298 0.57 15.92 -2.83
CA GLU A 298 1.11 15.34 -1.60
C GLU A 298 0.40 14.04 -1.24
N LYS A 299 -0.92 14.00 -1.40
CA LYS A 299 -1.67 12.81 -0.99
C LYS A 299 -1.37 11.63 -1.91
N VAL A 300 -1.38 11.86 -3.23
CA VAL A 300 -1.12 10.77 -4.17
C VAL A 300 0.32 10.27 -4.03
N SER A 301 1.26 11.19 -3.76
N SER A 301 1.26 11.18 -3.75
CA SER A 301 2.66 10.79 -3.56
CA SER A 301 2.65 10.77 -3.57
C SER A 301 2.78 9.80 -2.41
C SER A 301 2.79 9.80 -2.40
N LYS A 302 2.11 10.07 -1.28
CA LYS A 302 2.16 9.17 -0.15
C LYS A 302 1.48 7.85 -0.46
N LEU A 303 0.38 7.88 -1.22
CA LEU A 303 -0.35 6.65 -1.53
C LEU A 303 0.45 5.72 -2.43
N LEU A 304 1.32 6.26 -3.28
CA LEU A 304 2.04 5.45 -4.25
C LEU A 304 3.41 5.00 -3.75
N THR A 305 3.92 5.61 -2.68
CA THR A 305 5.20 5.22 -2.10
C THR A 305 5.05 4.47 -0.78
N LEU A 306 4.11 4.88 0.07
CA LEU A 306 3.79 4.18 1.31
C LEU A 306 5.01 4.02 2.21
N GLU A 307 5.74 5.12 2.38
CA GLU A 307 6.90 5.19 3.27
C GLU A 307 7.96 4.15 2.93
N GLY A 308 8.08 3.81 1.65
CA GLY A 308 9.11 2.89 1.20
C GLY A 308 8.83 1.42 1.44
N VAL A 309 7.73 1.08 2.12
CA VAL A 309 7.41 -0.33 2.35
C VAL A 309 7.19 -1.05 1.03
N ILE A 310 6.58 -0.36 0.07
CA ILE A 310 6.39 -0.90 -1.28
C ILE A 310 7.61 -0.56 -2.12
N LYS A 311 8.20 -1.58 -2.73
CA LYS A 311 9.38 -1.40 -3.57
C LYS A 311 9.01 -1.15 -5.02
N ASP A 312 8.17 -2.00 -5.60
CA ASP A 312 7.71 -1.84 -6.98
C ASP A 312 6.42 -1.03 -6.97
N HIS A 313 6.48 0.19 -7.51
CA HIS A 313 5.29 1.03 -7.58
C HIS A 313 4.19 0.40 -8.44
N ASN A 314 4.56 -0.53 -9.33
CA ASN A 314 3.57 -1.21 -10.15
C ASN A 314 2.70 -2.19 -9.35
N LYS A 315 3.11 -2.53 -8.13
CA LYS A 315 2.29 -3.40 -7.29
CA LYS A 315 2.31 -3.38 -7.27
C LYS A 315 1.19 -2.65 -6.56
N VAL A 316 1.16 -1.31 -6.64
CA VAL A 316 0.12 -0.50 -6.01
C VAL A 316 -0.89 -0.14 -7.08
N VAL A 317 -2.17 -0.34 -6.77
CA VAL A 317 -3.28 0.03 -7.66
C VAL A 317 -4.04 1.18 -7.01
N LEU A 318 -4.04 2.34 -7.67
CA LEU A 318 -4.73 3.53 -7.16
C LEU A 318 -6.18 3.48 -7.61
N ASN A 319 -7.10 3.31 -6.65
CA ASN A 319 -8.53 3.36 -6.94
C ASN A 319 -9.00 4.79 -6.68
N ILE A 320 -9.43 5.48 -7.74
CA ILE A 320 -9.56 6.93 -7.71
C ILE A 320 -10.92 7.35 -8.25
N SER A 321 -11.47 8.41 -7.66
CA SER A 321 -12.67 9.09 -8.16
C SER A 321 -12.63 10.53 -7.65
N ALA A 322 -13.44 11.38 -8.28
CA ALA A 322 -13.52 12.78 -7.89
C ALA A 322 -14.96 13.25 -8.02
N GLY A 323 -15.21 14.50 -7.62
CA GLY A 323 -16.56 15.02 -7.53
C GLY A 323 -16.86 16.27 -8.33
N ILE A 324 -15.84 16.83 -8.99
CA ILE A 324 -16.01 17.96 -9.90
C ILE A 324 -15.22 17.67 -11.17
N SER A 325 -15.89 17.75 -12.32
CA SER A 325 -15.24 17.35 -13.57
C SER A 325 -14.10 18.29 -13.94
N THR A 326 -14.27 19.59 -13.73
CA THR A 326 -13.21 20.53 -14.03
C THR A 326 -11.97 20.25 -13.19
N LEU A 327 -12.17 20.00 -11.90
CA LEU A 327 -11.05 19.68 -11.03
C LEU A 327 -10.42 18.34 -11.41
N ALA A 328 -11.24 17.36 -11.78
CA ALA A 328 -10.72 16.05 -12.14
C ALA A 328 -9.79 16.13 -13.36
N LEU A 329 -10.06 17.04 -14.29
CA LEU A 329 -9.19 17.22 -15.44
C LEU A 329 -7.77 17.58 -15.00
N TYR A 330 -7.66 18.53 -14.07
CA TYR A 330 -6.33 18.93 -13.59
C TYR A 330 -5.70 17.82 -12.76
N PHE A 331 -6.50 17.10 -11.98
CA PHE A 331 -6.00 15.92 -11.26
C PHE A 331 -5.39 14.92 -12.24
N GLY A 332 -6.07 14.67 -13.36
CA GLY A 332 -5.58 13.68 -14.32
C GLY A 332 -4.29 14.10 -14.97
N VAL A 333 -4.17 15.39 -15.32
CA VAL A 333 -2.92 15.89 -15.92
C VAL A 333 -1.75 15.63 -14.98
N ILE A 334 -1.93 15.95 -13.69
CA ILE A 334 -0.85 15.78 -12.73
C ILE A 334 -0.57 14.30 -12.45
N LEU A 335 -1.62 13.47 -12.47
CA LEU A 335 -1.43 12.07 -12.10
C LEU A 335 -0.61 11.31 -13.14
N GLY A 336 -0.78 11.64 -14.41
CA GLY A 336 -0.07 10.93 -15.46
C GLY A 336 -0.75 9.62 -15.83
N ASN A 337 -0.15 8.93 -16.80
CA ASN A 337 -0.75 7.74 -17.38
C ASN A 337 0.21 6.54 -17.35
N ARG A 338 1.05 6.46 -16.31
CA ARG A 338 1.93 5.31 -16.16
C ARG A 338 1.74 4.61 -14.82
N GLN A 339 0.72 4.98 -14.05
CA GLN A 339 0.42 4.37 -12.77
C GLN A 339 -0.73 3.37 -12.94
N ALA A 340 -0.55 2.18 -12.36
CA ALA A 340 -1.66 1.23 -12.29
C ALA A 340 -2.80 1.85 -11.49
N SER A 341 -3.95 2.02 -12.14
N SER A 341 -3.96 2.01 -12.13
CA SER A 341 -5.07 2.72 -11.52
CA SER A 341 -5.06 2.71 -11.50
C SER A 341 -6.38 2.13 -12.00
C SER A 341 -6.38 2.14 -12.00
N ILE A 342 -7.43 2.39 -11.22
CA ILE A 342 -8.80 2.06 -11.59
C ILE A 342 -9.65 3.29 -11.30
N ILE A 343 -10.34 3.80 -12.32
CA ILE A 343 -11.15 5.01 -12.18
C ILE A 343 -12.60 4.59 -11.97
N TYR A 344 -13.25 5.21 -10.99
CA TYR A 344 -14.63 4.89 -10.64
C TYR A 344 -15.51 6.10 -10.88
N HIS A 345 -16.74 5.83 -11.33
CA HIS A 345 -17.77 6.85 -11.54
C HIS A 345 -18.82 6.71 -10.45
N TYR A 346 -19.07 7.79 -9.72
CA TYR A 346 -20.04 7.74 -8.63
C TYR A 346 -21.44 8.03 -9.13
N GLN A 347 -22.36 7.12 -8.84
CA GLN A 347 -23.78 7.29 -9.17
C GLN A 347 -24.53 6.34 -8.23
N LYS A 348 -24.96 6.87 -7.08
CA LYS A 348 -25.48 6.11 -5.94
C LYS A 348 -24.38 5.29 -5.27
N GLU A 349 -23.52 4.66 -6.06
N GLU A 349 -23.52 4.66 -6.06
CA GLU A 349 -22.36 3.96 -5.54
CA GLU A 349 -22.37 3.93 -5.56
C GLU A 349 -21.21 4.15 -6.53
C GLU A 349 -21.21 4.13 -6.54
N TYR A 350 -20.05 3.61 -6.17
CA TYR A 350 -18.86 3.72 -7.01
C TYR A 350 -18.87 2.61 -8.05
N HIS A 351 -18.78 2.99 -9.33
CA HIS A 351 -18.82 2.05 -10.44
C HIS A 351 -17.47 2.10 -11.16
N LYS A 352 -16.82 0.95 -11.28
CA LYS A 352 -15.61 0.84 -12.09
C LYS A 352 -15.95 1.09 -13.55
N VAL A 353 -15.28 2.05 -14.19
CA VAL A 353 -15.59 2.39 -15.57
C VAL A 353 -14.33 2.32 -16.43
N ILE A 354 -13.17 2.52 -15.81
CA ILE A 354 -11.90 2.51 -16.55
C ILE A 354 -10.87 1.78 -15.69
N ASP A 355 -10.46 0.59 -16.15
CA ASP A 355 -9.48 -0.24 -15.48
C ASP A 355 -8.16 -0.11 -16.22
N LEU A 356 -7.18 0.54 -15.59
CA LEU A 356 -5.88 0.77 -16.20
C LEU A 356 -4.79 -0.13 -15.60
N THR A 357 -5.18 -1.22 -14.94
CA THR A 357 -4.19 -2.08 -14.29
C THR A 357 -3.42 -2.91 -15.30
N ASP A 358 -4.05 -3.31 -16.40
N ASP A 358 -4.05 -3.31 -16.40
CA ASP A 358 -3.39 -4.17 -17.38
CA ASP A 358 -3.41 -4.16 -17.40
C ASP A 358 -2.77 -3.38 -18.53
C ASP A 358 -2.73 -3.35 -18.49
N ASN A 359 -3.18 -2.14 -18.76
CA ASN A 359 -2.61 -1.31 -19.81
C ASN A 359 -2.97 0.15 -19.58
N PRO A 360 -2.11 0.92 -18.90
CA PRO A 360 -2.41 2.34 -18.66
C PRO A 360 -2.41 3.20 -19.93
N ARG A 361 -2.03 2.65 -21.08
CA ARG A 361 -2.02 3.40 -22.33
C ARG A 361 -3.34 3.31 -23.08
N LYS A 362 -4.28 2.49 -22.63
CA LYS A 362 -5.49 2.25 -23.40
C LYS A 362 -6.34 3.52 -23.53
N ILE A 363 -6.24 4.46 -22.59
CA ILE A 363 -6.96 5.73 -22.72
C ILE A 363 -6.29 6.66 -23.71
N LYS A 364 -5.18 6.26 -24.30
CA LYS A 364 -4.41 7.07 -25.23
C LYS A 364 -4.26 6.42 -26.60
N GLU A 365 -4.86 5.25 -26.81
CA GLU A 365 -4.64 4.47 -28.01
C GLU A 365 -5.65 4.87 -29.08
N LYS A 366 -5.15 5.29 -30.24
CA LYS A 366 -6.00 5.82 -31.29
C LYS A 366 -6.60 4.70 -32.14
N LYS A 367 -7.72 5.02 -32.78
CA LYS A 367 -8.45 4.08 -33.60
C LYS A 367 -8.86 4.76 -34.90
N SER A 368 -8.88 3.98 -35.99
CA SER A 368 -9.12 4.57 -37.31
C SER A 368 -10.55 5.09 -37.44
N GLU A 369 -11.54 4.37 -36.92
CA GLU A 369 -12.94 4.75 -37.03
C GLU A 369 -13.52 4.91 -35.63
N PHE A 370 -14.13 6.06 -35.37
CA PHE A 370 -14.75 6.30 -34.08
C PHE A 370 -15.94 5.37 -33.88
N GLU A 371 -15.95 4.66 -32.75
CA GLU A 371 -17.05 3.78 -32.39
C GLU A 371 -17.94 4.34 -31.29
N LYS A 372 -17.43 5.24 -30.45
CA LYS A 372 -18.17 5.73 -29.31
C LYS A 372 -18.56 7.20 -29.41
N ILE A 373 -17.87 7.99 -30.23
CA ILE A 373 -18.14 9.42 -30.32
C ILE A 373 -18.40 9.80 -31.76
N SER A 374 -19.09 10.93 -31.93
CA SER A 374 -19.26 11.61 -33.21
C SER A 374 -18.53 12.94 -33.16
N VAL A 375 -17.89 13.31 -34.26
CA VAL A 375 -17.04 14.50 -34.30
C VAL A 375 -17.47 15.36 -35.47
N ASN A 376 -17.85 16.61 -35.18
CA ASN A 376 -18.09 17.64 -36.17
C ASN A 376 -17.09 18.75 -35.94
N LYS A 377 -16.33 19.12 -36.97
CA LYS A 377 -15.19 20.01 -36.78
C LYS A 377 -15.06 20.99 -37.94
N ASN A 378 -14.52 22.16 -37.61
CA ASN A 378 -14.02 23.14 -38.59
C ASN A 378 -12.73 23.67 -37.98
N ILE A 379 -11.60 23.14 -38.43
CA ILE A 379 -10.33 23.31 -37.72
C ILE A 379 -9.66 24.60 -38.18
N GLN A 380 -9.51 25.55 -37.26
CA GLN A 380 -8.76 26.77 -37.50
C GLN A 380 -7.98 27.12 -36.23
N ASP A 381 -7.00 28.03 -36.38
CA ASP A 381 -5.90 28.13 -35.42
C ASP A 381 -6.36 28.42 -33.98
N PRO A 382 -7.22 29.40 -33.72
CA PRO A 382 -7.83 29.44 -32.38
C PRO A 382 -9.00 28.47 -32.32
N LEU A 383 -8.76 27.27 -31.78
CA LEU A 383 -9.72 26.18 -31.86
C LEU A 383 -10.50 26.04 -30.56
N ILE A 385 -12.75 23.64 -28.39
CA ILE A 385 -13.08 22.23 -28.20
C ILE A 385 -14.30 22.14 -27.29
N ILE A 386 -15.32 21.41 -27.74
CA ILE A 386 -16.56 21.23 -26.98
C ILE A 386 -16.81 19.74 -26.83
N ILE A 387 -16.90 19.29 -25.58
CA ILE A 387 -17.18 17.89 -25.27
C ILE A 387 -18.60 17.83 -24.69
N TYR A 388 -19.47 17.08 -25.35
CA TYR A 388 -20.88 16.96 -25.00
C TYR A 388 -21.15 15.49 -24.68
N LEU A 389 -21.02 15.12 -23.41
CA LEU A 389 -21.19 13.73 -22.98
C LEU A 389 -22.01 13.62 -21.71
N ALA A 390 -22.95 14.53 -21.49
CA ALA A 390 -23.83 14.48 -20.33
C ALA A 390 -25.17 15.11 -20.72
N SER A 391 -26.09 15.15 -19.76
CA SER A 391 -27.43 15.66 -20.04
C SER A 391 -27.38 17.12 -20.49
N HIS A 392 -26.57 17.93 -19.82
CA HIS A 392 -26.45 19.34 -20.21
C HIS A 392 -25.73 19.45 -21.54
N ASN A 393 -26.34 20.17 -22.48
CA ASN A 393 -25.77 20.35 -23.81
C ASN A 393 -24.99 21.64 -23.84
N PRO A 394 -23.66 21.60 -23.85
CA PRO A 394 -22.85 22.83 -23.78
C PRO A 394 -22.55 23.46 -25.13
N ILE A 395 -23.10 22.95 -26.23
CA ILE A 395 -22.63 23.34 -27.56
C ILE A 395 -22.97 24.80 -27.85
N GLU A 396 -24.16 25.24 -27.44
CA GLU A 396 -24.60 26.59 -27.77
C GLU A 396 -23.79 27.63 -27.01
N LYS A 397 -23.69 27.46 -25.69
CA LYS A 397 -22.87 28.37 -24.89
C LYS A 397 -21.39 28.26 -25.27
N GLY A 398 -20.95 27.07 -25.70
CA GLY A 398 -19.58 26.92 -26.16
C GLY A 398 -19.32 27.66 -27.45
N LEU A 399 -20.28 27.62 -28.38
CA LEU A 399 -20.12 28.38 -29.62
C LEU A 399 -20.28 29.88 -29.37
N GLU A 400 -21.10 30.26 -28.38
CA GLU A 400 -21.18 31.68 -28.02
C GLU A 400 -19.88 32.15 -27.39
N LEU A 401 -19.29 31.33 -26.52
CA LEU A 401 -17.97 31.66 -25.98
C LEU A 401 -16.92 31.72 -27.09
N LYS A 402 -17.04 30.82 -28.08
CA LYS A 402 -16.11 30.83 -29.21
C LYS A 402 -16.13 32.17 -29.94
N GLU A 403 -17.34 32.70 -30.19
N GLU A 403 -17.34 32.70 -30.19
CA GLU A 403 -17.44 33.99 -30.88
CA GLU A 403 -17.44 33.99 -30.88
C GLU A 403 -16.97 35.13 -29.98
C GLU A 403 -16.98 35.13 -29.98
N LYS A 404 -17.22 35.03 -28.68
CA LYS A 404 -16.77 36.07 -27.75
C LYS A 404 -15.25 36.11 -27.68
N LEU A 405 -14.59 34.96 -27.76
CA LEU A 405 -13.14 34.87 -27.72
C LEU A 405 -12.49 35.10 -29.08
N ARG A 406 -13.28 35.34 -30.13
CA ARG A 406 -12.77 35.48 -31.50
C ARG A 406 -12.04 34.23 -31.96
N ALA A 407 -12.46 33.07 -31.48
CA ALA A 407 -11.91 31.81 -31.96
C ALA A 407 -12.48 31.48 -33.33
N LYS A 408 -11.61 31.03 -34.23
CA LYS A 408 -12.04 30.72 -35.59
C LYS A 408 -12.42 29.26 -35.79
N GLY A 409 -11.87 28.34 -35.00
CA GLY A 409 -12.13 26.94 -35.19
C GLY A 409 -13.01 26.30 -34.12
N GLU A 410 -13.61 25.16 -34.44
CA GLU A 410 -14.42 24.43 -33.49
C GLU A 410 -14.23 22.93 -33.67
N LEU A 411 -14.16 22.21 -32.56
CA LEU A 411 -14.09 20.76 -32.54
C LEU A 411 -15.16 20.28 -31.56
N ILE A 412 -16.27 19.77 -32.08
CA ILE A 412 -17.41 19.39 -31.26
C ILE A 412 -17.45 17.87 -31.15
N ILE A 413 -17.34 17.37 -29.92
CA ILE A 413 -17.27 15.95 -29.65
C ILE A 413 -18.50 15.58 -28.82
N GLN A 414 -19.22 14.54 -29.26
CA GLN A 414 -20.38 14.06 -28.53
C GLN A 414 -20.52 12.56 -28.75
N SER A 415 -21.45 11.97 -28.01
CA SER A 415 -21.61 10.52 -28.04
C SER A 415 -22.19 10.06 -29.38
N LYS A 416 -21.75 8.89 -29.81
CA LYS A 416 -22.25 8.24 -31.02
C LYS A 416 -23.33 7.25 -30.63
N GLU A 417 -24.53 7.41 -31.19
CA GLU A 417 -25.68 6.56 -30.91
C GLU A 417 -25.98 6.52 -29.40
N HIS A 418 -26.17 7.70 -28.84
CA HIS A 418 -26.48 7.88 -27.42
C HIS A 418 -26.82 9.35 -27.22
N GLN A 419 -27.68 9.62 -26.24
CA GLN A 419 -28.11 10.96 -25.90
C GLN A 419 -27.98 11.17 -24.40
N GLY A 420 -27.29 12.24 -24.01
CA GLY A 420 -27.30 12.65 -22.60
C GLY A 420 -26.34 11.85 -21.75
N ASN A 421 -26.85 11.34 -20.62
CA ASN A 421 -26.01 10.70 -19.63
C ASN A 421 -25.49 9.36 -20.14
N LEU A 422 -24.16 9.17 -20.08
CA LEU A 422 -23.55 7.95 -20.56
C LEU A 422 -24.01 6.74 -19.77
N GLU A 423 -24.25 5.64 -20.46
CA GLU A 423 -24.52 4.38 -19.79
C GLU A 423 -23.27 3.87 -19.10
N ILE A 424 -23.43 3.39 -17.86
CA ILE A 424 -22.28 2.96 -17.07
C ILE A 424 -21.68 1.70 -17.67
N GLY A 425 -20.36 1.71 -17.85
CA GLY A 425 -19.69 0.57 -18.42
C GLY A 425 -18.22 0.88 -18.61
N ASP A 426 -17.56 0.11 -19.48
CA ASP A 426 -16.17 0.38 -19.82
C ASP A 426 -16.11 1.68 -20.62
N TRP A 427 -15.56 2.73 -20.02
CA TRP A 427 -15.48 4.04 -20.64
C TRP A 427 -14.11 4.33 -21.24
N SER A 428 -13.22 3.33 -21.27
CA SER A 428 -11.86 3.58 -21.74
C SER A 428 -11.82 3.92 -23.22
N ASP A 429 -12.71 3.32 -24.03
CA ASP A 429 -12.71 3.60 -25.47
C ASP A 429 -13.23 5.01 -25.75
N ILE A 430 -14.19 5.48 -24.96
CA ILE A 430 -14.67 6.86 -25.12
C ILE A 430 -13.54 7.85 -24.91
N VAL A 431 -12.74 7.63 -23.86
CA VAL A 431 -11.64 8.55 -23.56
C VAL A 431 -10.59 8.52 -24.65
N SER A 432 -10.22 7.33 -25.12
CA SER A 432 -9.21 7.22 -26.16
C SER A 432 -9.66 7.91 -27.45
N GLU A 433 -10.96 7.84 -27.75
CA GLU A 433 -11.46 8.49 -28.96
C GLU A 433 -11.51 10.01 -28.78
N ILE A 434 -11.84 10.49 -27.57
CA ILE A 434 -11.75 11.92 -27.30
C ILE A 434 -10.31 12.38 -27.45
N TYR A 435 -9.37 11.66 -26.83
CA TYR A 435 -7.96 12.01 -26.97
C TYR A 435 -7.52 12.01 -28.43
N THR A 436 -7.96 11.02 -29.20
CA THR A 436 -7.61 10.96 -30.61
C THR A 436 -8.11 12.19 -31.36
N ALA A 437 -9.34 12.62 -31.08
CA ALA A 437 -9.89 13.79 -31.76
C ALA A 437 -9.13 15.06 -31.38
N ILE A 438 -8.75 15.18 -30.10
CA ILE A 438 -8.02 16.37 -29.66
C ILE A 438 -6.59 16.35 -30.19
N ASP A 439 -5.93 15.20 -30.11
CA ASP A 439 -4.52 15.12 -30.54
C ASP A 439 -4.37 15.29 -32.04
N ASP A 440 -5.36 14.84 -32.82
CA ASP A 440 -5.26 14.94 -34.27
C ASP A 440 -5.64 16.31 -34.80
N ASN A 441 -6.36 17.12 -34.02
CA ASN A 441 -6.85 18.40 -34.50
C ASN A 441 -6.36 19.59 -33.69
N LYS A 442 -5.55 19.38 -32.66
CA LYS A 442 -5.09 20.48 -31.82
C LYS A 442 -4.38 21.53 -32.65
N GLN A 443 -4.50 22.78 -32.22
CA GLN A 443 -3.96 23.92 -32.93
C GLN A 443 -2.93 24.63 -32.06
N LYS A 444 -2.42 25.76 -32.57
CA LYS A 444 -1.43 26.53 -31.82
C LYS A 444 -2.00 27.03 -30.50
N GLU A 445 -3.27 27.43 -30.50
CA GLU A 445 -3.98 27.81 -29.29
C GLU A 445 -5.35 27.16 -29.28
N ASN A 446 -5.79 26.72 -28.11
CA ASN A 446 -7.05 26.01 -27.99
C ASN A 446 -7.77 26.45 -26.73
N TYR A 447 -9.11 26.48 -26.81
CA TYR A 447 -9.99 26.61 -25.66
C TYR A 447 -10.83 25.34 -25.54
N VAL A 449 -14.34 23.58 -23.36
CA VAL A 449 -15.43 23.43 -22.41
C VAL A 449 -15.94 22.01 -22.53
N PHE A 450 -16.59 21.52 -21.47
CA PHE A 450 -16.96 20.11 -21.44
C PHE A 450 -18.15 19.88 -20.53
N SER A 451 -19.04 19.00 -20.97
CA SER A 451 -20.14 18.49 -20.18
C SER A 451 -19.99 16.97 -20.18
N ALA A 452 -19.36 16.43 -19.14
CA ALA A 452 -18.95 15.04 -19.15
C ALA A 452 -18.87 14.54 -17.72
N PRO A 453 -18.98 13.23 -17.50
CA PRO A 453 -18.79 12.69 -16.15
C PRO A 453 -17.39 12.99 -15.63
N VAL A 454 -17.28 13.02 -14.30
CA VAL A 454 -15.99 13.29 -13.66
C VAL A 454 -14.94 12.27 -14.11
N ALA A 455 -15.32 10.99 -14.18
CA ALA A 455 -14.38 9.95 -14.54
C ALA A 455 -13.82 10.12 -15.94
N ILE A 456 -14.63 10.67 -16.86
CA ILE A 456 -14.16 10.89 -18.22
C ILE A 456 -13.07 11.94 -18.25
N LEU A 458 -11.15 13.00 -15.75
CA LEU A 458 -9.97 12.51 -15.04
C LEU A 458 -9.08 11.70 -15.98
N ALA A 459 -9.66 10.74 -16.69
CA ALA A 459 -8.89 9.93 -17.63
C ALA A 459 -8.37 10.77 -18.79
N LEU A 460 -9.18 11.73 -19.25
CA LEU A 460 -8.72 12.59 -20.34
C LEU A 460 -7.49 13.39 -19.93
N GLY A 461 -7.48 13.91 -18.70
CA GLY A 461 -6.30 14.62 -18.23
C GLY A 461 -5.07 13.74 -18.19
N ALA A 463 -4.55 11.28 -20.11
CA ALA A 463 -4.17 11.02 -21.49
C ALA A 463 -3.48 12.22 -22.12
N LEU A 464 -3.98 13.43 -21.84
CA LEU A 464 -3.46 14.62 -22.50
C LEU A 464 -2.10 15.05 -21.95
N GLY A 465 -1.92 14.96 -20.64
CA GLY A 465 -0.69 15.47 -20.05
C GLY A 465 -0.71 16.99 -20.01
N TYR A 466 0.47 17.55 -19.71
CA TYR A 466 0.65 18.99 -19.65
C TYR A 466 1.31 19.55 -20.90
N PHE A 467 1.12 18.87 -22.05
CA PHE A 467 1.79 19.25 -23.28
C PHE A 467 0.97 20.16 -24.18
N LEU A 468 -0.34 20.27 -23.94
CA LEU A 468 -1.16 20.94 -24.93
C LEU A 468 -1.52 22.35 -24.50
N PRO A 469 -1.47 23.32 -25.43
CA PRO A 469 -1.84 24.71 -25.12
C PRO A 469 -3.34 24.92 -25.11
N ILE A 470 -3.97 24.54 -24.01
CA ILE A 470 -5.42 24.56 -23.86
C ILE A 470 -5.78 25.45 -22.67
N LYS A 471 -6.60 26.46 -22.92
CA LYS A 471 -7.22 27.22 -21.85
C LYS A 471 -8.57 26.60 -21.52
N VAL A 472 -8.77 26.27 -20.25
CA VAL A 472 -9.96 25.57 -19.80
C VAL A 472 -10.96 26.59 -19.27
N PHE A 473 -12.22 26.41 -19.64
CA PHE A 473 -13.31 27.25 -19.15
C PHE A 473 -14.27 26.39 -18.34
N HIS A 474 -14.59 26.84 -17.13
CA HIS A 474 -15.44 26.11 -16.21
C HIS A 474 -16.85 26.66 -16.24
N TYR A 475 -17.84 25.77 -16.21
CA TYR A 475 -19.24 26.19 -16.20
C TYR A 475 -19.65 26.51 -14.77
N ASN A 476 -19.83 27.80 -14.49
CA ASN A 476 -20.24 28.27 -13.16
C ASN A 476 -21.75 28.49 -13.19
N ARG A 477 -22.49 27.38 -13.06
CA ARG A 477 -23.95 27.39 -12.96
C ARG A 477 -24.63 27.92 -14.22
N ASP A 478 -24.31 29.14 -14.63
CA ASP A 478 -24.97 29.76 -15.78
C ASP A 478 -24.02 30.30 -16.84
N GLU A 479 -22.71 30.35 -16.58
CA GLU A 479 -21.79 30.99 -17.50
C GLU A 479 -20.43 30.31 -17.42
N TYR A 480 -19.65 30.47 -18.49
CA TYR A 480 -18.31 29.90 -18.55
C TYR A 480 -17.29 30.94 -18.07
N ILE A 481 -16.43 30.52 -17.14
CA ILE A 481 -15.38 31.37 -16.61
C ILE A 481 -14.04 30.69 -16.88
N GLU A 482 -13.03 31.50 -17.22
CA GLU A 482 -11.72 30.95 -17.53
C GLU A 482 -11.01 30.49 -16.25
N VAL A 483 -10.54 29.26 -16.25
CA VAL A 483 -9.73 28.76 -15.15
C VAL A 483 -8.32 29.32 -15.32
N PRO A 484 -7.80 30.07 -14.35
CA PRO A 484 -6.54 30.80 -14.57
C PRO A 484 -5.30 29.94 -14.49
N ILE A 485 -5.38 28.70 -14.97
CA ILE A 485 -4.22 27.80 -15.06
C ILE A 485 -4.29 27.12 -16.43
N LYS A 486 -3.38 27.49 -17.32
CA LYS A 486 -3.35 26.86 -18.64
C LYS A 486 -2.89 25.41 -18.52
N LEU A 487 -3.44 24.56 -19.37
CA LEU A 487 -3.19 23.12 -19.28
C LEU A 487 -1.76 22.73 -19.61
N ASN A 488 -0.92 23.65 -20.04
CA ASN A 488 0.48 23.35 -20.34
C ASN A 488 1.45 24.04 -19.39
N GLU A 489 0.97 24.47 -18.22
CA GLU A 489 1.84 25.13 -17.26
C GLU A 489 2.77 24.13 -16.58
N GLU A 490 3.96 24.63 -16.19
CA GLU A 490 4.96 23.77 -15.59
C GLU A 490 4.51 23.22 -14.24
N ILE A 491 3.63 23.93 -13.54
CA ILE A 491 3.11 23.44 -12.26
C ILE A 491 2.24 22.21 -12.41
N LEU A 492 1.83 21.87 -13.63
CA LEU A 492 1.04 20.68 -13.90
C LEU A 492 1.88 19.48 -14.32
N ARG A 493 3.21 19.62 -14.31
CA ARG A 493 4.07 18.51 -14.69
C ARG A 493 3.89 17.33 -13.74
N SER A 494 3.68 16.15 -14.30
CA SER A 494 3.43 14.98 -13.49
C SER A 494 4.71 14.53 -12.78
N PRO A 495 4.69 14.39 -11.46
CA PRO A 495 5.85 13.87 -10.73
C PRO A 495 5.85 12.35 -10.54
N PHE A 496 4.90 11.64 -11.12
CA PHE A 496 4.76 10.20 -10.89
C PHE A 496 5.12 9.41 -12.14
#